data_4UIO
#
_entry.id   4UIO
#
_cell.length_a   67.399
_cell.length_b   42.327
_cell.length_c   84.828
_cell.angle_alpha   90.00
_cell.angle_beta   105.13
_cell.angle_gamma   90.00
#
_symmetry.space_group_name_H-M   'I 1 2 1'
#
loop_
_entity.id
_entity.type
_entity.pdbx_description
1 polymer '3-DEHYDROQUINATE DEHYDRATASE'
2 non-polymer '(1~{R},3~{R},4~{S},5~{R})-3-methyl-1,3,4,5-tetrakis(oxidanyl)cyclohexane-1-carboxylic acid'
3 non-polymer 'CHLORIDE ION'
4 non-polymer 'SODIUM ION'
5 water water
#
_entity_poly.entity_id   1
_entity_poly.type   'polypeptide(L)'
_entity_poly.pdbx_seq_one_letter_code
;MKTVTVKNLIIGEGMPKIIVSLMGRDINSVKAEALAYREATFDILEWRVDHFMDIASTQSVLTAARVIRDAMPDIPLLFT
FRSAKEGGEQTITTQHYLTLNRAAIDSGLVDMIDLELFTGDADVKATVDYAHAHNVYVVMSNHDFHQTPSAEEMVLRLRK
MQALGADIPKIAVMPQSKHDVLTLLTATLEMQQHYADRPVITMSMAKEGVISRLAGEVFGSAATFGAVKQASAPGQIAVN
DLRSVLMILHNA
;
_entity_poly.pdbx_strand_id   A
#
loop_
_chem_comp.id
_chem_comp.type
_chem_comp.name
_chem_comp.formula
CL non-polymer 'CHLORIDE ION' 'Cl -1'
NA non-polymer 'SODIUM ION' 'Na 1'
VAU non-polymer '(1~{R},3~{R},4~{S},5~{R})-3-methyl-1,3,4,5-tetrakis(oxidanyl)cyclohexane-1-carboxylic acid' 'C8 H14 O6'
#
# COMPACT_ATOMS: atom_id res chain seq x y z
N THR A 3 4.44 13.65 9.35
CA THR A 3 4.52 12.19 9.55
C THR A 3 3.11 11.71 9.79
N VAL A 4 2.93 10.43 9.60
CA VAL A 4 1.66 9.81 9.80
C VAL A 4 2.00 8.80 10.85
N THR A 5 1.43 8.98 12.03
CA THR A 5 1.57 7.99 13.06
C THR A 5 0.26 7.24 13.08
N VAL A 6 0.35 5.99 12.68
CA VAL A 6 -0.81 5.15 12.48
C VAL A 6 -0.60 3.96 13.36
N LYS A 7 -1.55 3.72 14.25
CA LYS A 7 -1.41 2.67 15.19
C LYS A 7 0.00 2.55 15.76
N ASN A 8 0.50 3.67 16.26
CA ASN A 8 1.80 3.72 16.97
C ASN A 8 3.02 3.31 16.12
N LEU A 9 2.91 3.59 14.83
CA LEU A 9 4.01 3.49 13.90
C LEU A 9 4.19 4.86 13.28
N ILE A 10 5.40 5.41 13.35
CA ILE A 10 5.66 6.73 12.74
C ILE A 10 6.17 6.57 11.31
N ILE A 11 5.25 6.72 10.36
CA ILE A 11 5.55 6.60 8.95
C ILE A 11 6.10 7.94 8.47
N GLY A 12 7.28 7.92 7.86
CA GLY A 12 7.95 9.14 7.37
C GLY A 12 9.19 9.51 8.19
N GLU A 13 9.45 8.77 9.25
CA GLU A 13 10.67 8.94 10.05
C GLU A 13 11.47 7.66 10.03
N GLY A 14 12.81 7.79 10.11
CA GLY A 14 13.67 6.63 10.30
C GLY A 14 13.66 5.75 9.07
N MET A 15 13.78 4.46 9.31
CA MET A 15 13.85 3.50 8.24
C MET A 15 12.49 3.37 7.58
N PRO A 16 12.47 3.10 6.27
CA PRO A 16 11.20 2.77 5.61
C PRO A 16 10.46 1.63 6.29
N LYS A 17 9.15 1.74 6.36
CA LYS A 17 8.34 0.73 7.03
C LYS A 17 8.03 -0.44 6.10
N ILE A 18 8.07 -1.66 6.65
CA ILE A 18 7.86 -2.86 5.87
C ILE A 18 6.42 -3.26 5.91
N ILE A 19 5.85 -3.36 4.71
CA ILE A 19 4.49 -3.82 4.52
C ILE A 19 4.53 -5.23 3.90
N VAL A 20 3.68 -6.11 4.38
CA VAL A 20 3.47 -7.44 3.78
C VAL A 20 1.99 -7.55 3.44
N SER A 21 1.70 -8.34 2.42
CA SER A 21 0.34 -8.49 1.92
C SER A 21 -0.20 -9.88 2.17
N LEU A 22 -1.31 -9.93 2.89
CA LEU A 22 -1.98 -11.17 3.18
C LEU A 22 -2.97 -11.45 2.08
N MET A 23 -2.89 -12.65 1.55
CA MET A 23 -3.74 -13.07 0.43
C MET A 23 -4.39 -14.39 0.83
N GLY A 24 -5.70 -14.37 0.97
CA GLY A 24 -6.49 -15.56 1.23
C GLY A 24 -7.77 -15.57 0.42
N ARG A 25 -8.09 -16.72 -0.19
CA ARG A 25 -9.29 -16.85 -1.03
C ARG A 25 -10.58 -17.05 -0.25
N ASP A 26 -10.48 -17.49 1.00
CA ASP A 26 -11.68 -17.74 1.79
C ASP A 26 -11.36 -17.47 3.25
N ILE A 27 -12.38 -17.57 4.08
CA ILE A 27 -12.27 -17.18 5.47
C ILE A 27 -11.28 -18.09 6.20
N ASN A 28 -11.30 -19.38 5.90
CA ASN A 28 -10.36 -20.31 6.49
C ASN A 28 -8.92 -20.05 6.11
N SER A 29 -8.66 -19.75 4.84
CA SER A 29 -7.30 -19.42 4.41
C SER A 29 -6.80 -18.06 4.92
N VAL A 30 -7.71 -17.09 5.06
CA VAL A 30 -7.35 -15.80 5.65
C VAL A 30 -6.88 -16.01 7.11
N LYS A 31 -7.60 -16.81 7.87
CA LYS A 31 -7.19 -17.10 9.24
C LYS A 31 -5.81 -17.78 9.23
N ALA A 32 -5.62 -18.79 8.41
CA ALA A 32 -4.37 -19.54 8.41
C ALA A 32 -3.21 -18.62 8.04
N GLU A 33 -3.44 -17.77 7.05
CA GLU A 33 -2.42 -16.78 6.70
C GLU A 33 -2.11 -15.76 7.81
N ALA A 34 -3.14 -15.31 8.53
CA ALA A 34 -2.91 -14.39 9.62
C ALA A 34 -2.07 -15.06 10.71
N LEU A 35 -2.35 -16.33 11.01
CA LEU A 35 -1.58 -17.04 12.03
C LEU A 35 -0.12 -17.24 11.60
N ALA A 36 0.12 -17.48 10.30
CA ALA A 36 1.48 -17.58 9.78
C ALA A 36 2.18 -16.22 9.77
N TYR A 37 1.51 -15.17 9.30
CA TYR A 37 2.10 -13.83 9.25
C TYR A 37 2.50 -13.27 10.62
N ARG A 38 1.82 -13.66 11.69
CA ARG A 38 2.17 -13.10 12.99
C ARG A 38 3.45 -13.73 13.56
N GLU A 39 4.03 -14.68 12.83
CA GLU A 39 5.34 -15.22 13.16
C GLU A 39 6.44 -14.64 12.27
N ALA A 40 6.13 -13.53 11.59
CA ALA A 40 7.12 -12.76 10.83
C ALA A 40 7.17 -11.34 11.38
N THR A 41 8.29 -10.66 11.15
CA THR A 41 8.49 -9.31 11.66
C THR A 41 8.34 -8.31 10.51
N PHE A 42 7.42 -7.36 10.69
CA PHE A 42 7.14 -6.33 9.70
C PHE A 42 6.34 -5.23 10.41
N ASP A 43 6.10 -4.12 9.72
CA ASP A 43 5.48 -2.97 10.34
C ASP A 43 4.00 -2.81 10.06
N ILE A 44 3.55 -3.17 8.86
CA ILE A 44 2.17 -2.91 8.46
C ILE A 44 1.66 -4.17 7.75
N LEU A 45 0.44 -4.58 8.08
CA LEU A 45 -0.21 -5.71 7.41
C LEU A 45 -1.20 -5.16 6.40
N GLU A 46 -0.97 -5.45 5.15
CA GLU A 46 -1.96 -5.15 4.12
C GLU A 46 -2.81 -6.39 3.87
N TRP A 47 -4.11 -6.26 3.93
CA TRP A 47 -4.99 -7.34 3.48
C TRP A 47 -5.38 -7.06 2.04
N ARG A 48 -4.97 -7.95 1.12
CA ARG A 48 -5.34 -7.83 -0.30
C ARG A 48 -6.70 -8.48 -0.50
N VAL A 49 -7.71 -7.65 -0.33
CA VAL A 49 -9.11 -8.06 -0.33
C VAL A 49 -9.52 -8.67 -1.67
N ASP A 50 -8.91 -8.19 -2.76
CA ASP A 50 -9.25 -8.69 -4.10
C ASP A 50 -8.89 -10.15 -4.34
N HIS A 51 -8.07 -10.75 -3.50
CA HIS A 51 -7.83 -12.19 -3.55
C HIS A 51 -8.97 -13.00 -2.90
N PHE A 52 -9.79 -12.35 -2.10
CA PHE A 52 -10.90 -13.02 -1.40
C PHE A 52 -12.02 -13.33 -2.38
N MET A 53 -12.50 -14.58 -2.41
CA MET A 53 -13.51 -14.97 -3.41
CA MET A 53 -13.49 -14.90 -3.43
C MET A 53 -14.89 -14.41 -3.11
N ASP A 54 -15.27 -14.41 -1.83
CA ASP A 54 -16.62 -14.01 -1.46
C ASP A 54 -16.72 -12.50 -1.22
N ILE A 55 -16.19 -11.70 -2.15
CA ILE A 55 -16.30 -10.26 -2.05
C ILE A 55 -17.71 -9.74 -2.25
N ALA A 56 -18.60 -10.54 -2.83
CA ALA A 56 -19.97 -10.08 -3.12
C ALA A 56 -20.75 -9.73 -1.84
N SER A 57 -20.39 -10.36 -0.72
CA SER A 57 -21.01 -10.10 0.57
C SER A 57 -20.16 -9.16 1.42
N THR A 58 -20.66 -7.95 1.68
CA THR A 58 -19.98 -7.04 2.59
C THR A 58 -19.78 -7.71 3.95
N GLN A 59 -20.79 -8.41 4.46
CA GLN A 59 -20.65 -9.14 5.70
C GLN A 59 -19.49 -10.12 5.67
N SER A 60 -19.36 -10.89 4.59
CA SER A 60 -18.28 -11.86 4.52
C SER A 60 -16.91 -11.15 4.56
N VAL A 61 -16.79 -10.05 3.85
CA VAL A 61 -15.54 -9.28 3.83
C VAL A 61 -15.24 -8.77 5.24
N LEU A 62 -16.24 -8.27 5.96
CA LEU A 62 -16.04 -7.72 7.29
C LEU A 62 -15.67 -8.82 8.26
N THR A 63 -16.26 -10.00 8.12
CA THR A 63 -15.92 -11.10 8.98
C THR A 63 -14.47 -11.49 8.80
N ALA A 64 -14.01 -11.50 7.55
CA ALA A 64 -12.59 -11.78 7.28
C ALA A 64 -11.68 -10.74 7.88
N ALA A 65 -12.03 -9.48 7.75
CA ALA A 65 -11.24 -8.44 8.41
C ALA A 65 -11.18 -8.65 9.91
N ARG A 66 -12.29 -9.04 10.52
CA ARG A 66 -12.30 -9.30 11.94
C ARG A 66 -11.38 -10.46 12.34
N VAL A 67 -11.34 -11.51 11.54
CA VAL A 67 -10.45 -12.63 11.81
C VAL A 67 -9.00 -12.16 11.83
N ILE A 68 -8.62 -11.32 10.88
CA ILE A 68 -7.27 -10.77 10.85
C ILE A 68 -6.98 -9.95 12.09
N ARG A 69 -7.87 -9.03 12.40
CA ARG A 69 -7.70 -8.16 13.55
C ARG A 69 -7.62 -8.99 14.86
N ASP A 70 -8.43 -10.05 14.96
CA ASP A 70 -8.40 -10.93 16.13
C ASP A 70 -7.02 -11.62 16.26
N ALA A 71 -6.42 -12.00 15.14
CA ALA A 71 -5.09 -12.64 15.13
C ALA A 71 -3.95 -11.68 15.46
N MET A 72 -4.09 -10.43 15.04
CA MET A 72 -3.06 -9.43 15.24
CA MET A 72 -3.05 -9.43 15.22
C MET A 72 -3.71 -8.16 15.78
N PRO A 73 -3.96 -8.15 17.11
CA PRO A 73 -4.73 -7.06 17.70
C PRO A 73 -4.08 -5.68 17.60
N ASP A 74 -2.76 -5.63 17.50
CA ASP A 74 -2.03 -4.36 17.59
C ASP A 74 -1.37 -3.95 16.27
N ILE A 75 -1.53 -4.71 15.20
CA ILE A 75 -0.82 -4.39 13.99
C ILE A 75 -1.51 -3.22 13.26
N PRO A 76 -0.74 -2.30 12.66
CA PRO A 76 -1.38 -1.37 11.68
C PRO A 76 -1.89 -2.17 10.49
N LEU A 77 -3.19 -2.04 10.24
CA LEU A 77 -3.91 -2.87 9.27
C LEU A 77 -4.43 -2.00 8.15
N LEU A 78 -3.95 -2.27 6.95
CA LEU A 78 -4.27 -1.58 5.71
C LEU A 78 -5.20 -2.49 4.88
N PHE A 79 -6.39 -1.97 4.58
CA PHE A 79 -7.44 -2.66 3.80
C PHE A 79 -7.29 -2.25 2.33
N THR A 80 -6.95 -3.22 1.47
CA THR A 80 -6.68 -2.94 0.07
C THR A 80 -7.43 -3.85 -0.90
N PHE A 81 -8.42 -3.30 -1.59
CA PHE A 81 -8.97 -3.96 -2.75
C PHE A 81 -8.26 -3.38 -3.97
N ARG A 82 -7.36 -4.15 -4.56
CA ARG A 82 -6.67 -3.73 -5.76
C ARG A 82 -7.54 -4.08 -6.95
N SER A 83 -7.93 -3.08 -7.74
CA SER A 83 -8.80 -3.32 -8.89
C SER A 83 -8.08 -4.11 -9.97
N ALA A 84 -8.85 -4.86 -10.77
CA ALA A 84 -8.27 -5.55 -11.90
C ALA A 84 -7.61 -4.56 -12.81
N LYS A 85 -8.21 -3.38 -12.96
CA LYS A 85 -7.64 -2.32 -13.77
C LYS A 85 -6.15 -2.09 -13.41
N GLU A 86 -5.87 -2.12 -12.11
CA GLU A 86 -4.52 -1.80 -11.61
C GLU A 86 -3.76 -3.00 -11.07
N GLY A 87 -4.11 -4.19 -11.56
CA GLY A 87 -3.28 -5.37 -11.37
C GLY A 87 -3.79 -6.35 -10.32
N GLY A 88 -5.04 -6.15 -9.87
CA GLY A 88 -5.64 -7.00 -8.87
C GLY A 88 -6.27 -8.24 -9.51
N GLU A 89 -6.92 -9.04 -8.68
CA GLU A 89 -7.32 -10.38 -9.05
C GLU A 89 -8.72 -10.50 -9.65
N GLN A 90 -9.57 -9.50 -9.49
CA GLN A 90 -10.95 -9.64 -9.97
C GLN A 90 -11.63 -8.30 -10.16
N THR A 91 -12.72 -8.35 -10.91
CA THR A 91 -13.50 -7.17 -11.20
C THR A 91 -14.48 -6.89 -10.06
N ILE A 92 -14.88 -5.63 -9.99
CA ILE A 92 -15.78 -5.13 -8.98
C ILE A 92 -16.42 -3.87 -9.53
N THR A 93 -17.66 -3.58 -9.19
CA THR A 93 -18.25 -2.32 -9.60
C THR A 93 -17.69 -1.22 -8.74
N THR A 94 -17.72 0.02 -9.22
CA THR A 94 -17.27 1.15 -8.44
C THR A 94 -18.08 1.25 -7.17
N GLN A 95 -19.39 1.09 -7.28
CA GLN A 95 -20.23 1.22 -6.10
C GLN A 95 -19.86 0.19 -5.05
N HIS A 96 -19.63 -1.05 -5.44
CA HIS A 96 -19.32 -2.06 -4.44
C HIS A 96 -17.94 -1.86 -3.84
N TYR A 97 -16.99 -1.43 -4.65
CA TYR A 97 -15.65 -1.09 -4.17
C TYR A 97 -15.72 -0.01 -3.08
N LEU A 98 -16.47 1.05 -3.33
CA LEU A 98 -16.54 2.15 -2.38
C LEU A 98 -17.24 1.70 -1.11
N THR A 99 -18.29 0.88 -1.25
CA THR A 99 -19.01 0.34 -0.11
C THR A 99 -18.13 -0.54 0.76
N LEU A 100 -17.37 -1.45 0.16
CA LEU A 100 -16.46 -2.27 0.95
C LEU A 100 -15.50 -1.38 1.75
N ASN A 101 -15.00 -0.33 1.11
CA ASN A 101 -14.09 0.56 1.82
C ASN A 101 -14.77 1.32 2.94
N ARG A 102 -15.96 1.84 2.70
CA ARG A 102 -16.68 2.55 3.73
C ARG A 102 -17.04 1.65 4.88
N ALA A 103 -17.47 0.43 4.58
CA ALA A 103 -17.78 -0.50 5.66
C ALA A 103 -16.52 -0.88 6.44
N ALA A 104 -15.38 -1.04 5.75
CA ALA A 104 -14.14 -1.27 6.48
C ALA A 104 -13.83 -0.07 7.38
N ILE A 105 -14.02 1.13 6.85
CA ILE A 105 -13.74 2.37 7.63
C ILE A 105 -14.58 2.42 8.90
N ASP A 106 -15.89 2.21 8.77
CA ASP A 106 -16.74 2.44 9.95
C ASP A 106 -16.87 1.22 10.89
N SER A 107 -16.20 0.13 10.52
CA SER A 107 -16.13 -1.06 11.36
C SER A 107 -15.24 -0.90 12.58
N GLY A 108 -14.28 0.02 12.53
CA GLY A 108 -13.27 0.13 13.56
C GLY A 108 -12.17 -0.92 13.48
N LEU A 109 -12.22 -1.82 12.50
CA LEU A 109 -11.25 -2.90 12.43
C LEU A 109 -9.94 -2.52 11.75
N VAL A 110 -9.98 -1.53 10.85
CA VAL A 110 -8.83 -1.20 10.06
C VAL A 110 -8.29 0.21 10.42
N ASP A 111 -6.99 0.40 10.20
CA ASP A 111 -6.35 1.67 10.47
C ASP A 111 -6.17 2.52 9.26
N MET A 112 -6.14 1.89 8.08
CA MET A 112 -5.94 2.57 6.82
C MET A 112 -6.71 1.82 5.74
N ILE A 113 -7.09 2.54 4.71
CA ILE A 113 -7.57 1.94 3.45
C ILE A 113 -6.67 2.41 2.33
N ASP A 114 -6.59 1.58 1.30
CA ASP A 114 -6.03 1.94 0.03
C ASP A 114 -7.16 2.43 -0.86
N LEU A 115 -6.98 3.56 -1.52
CA LEU A 115 -7.98 4.13 -2.38
C LEU A 115 -7.28 4.50 -3.66
N GLU A 116 -7.72 3.95 -4.79
CA GLU A 116 -7.06 4.19 -6.07
C GLU A 116 -7.44 5.57 -6.58
N LEU A 117 -6.42 6.37 -6.86
CA LEU A 117 -6.57 7.71 -7.38
C LEU A 117 -7.54 7.78 -8.52
N PHE A 118 -7.41 6.88 -9.48
CA PHE A 118 -8.25 6.97 -10.68
C PHE A 118 -9.66 6.38 -10.58
N THR A 119 -10.11 6.15 -9.35
CA THR A 119 -11.48 5.81 -9.09
C THR A 119 -12.43 6.92 -9.58
N GLY A 120 -11.99 8.17 -9.49
CA GLY A 120 -12.77 9.33 -9.90
C GLY A 120 -12.76 10.38 -8.80
N ASP A 121 -12.60 11.67 -9.14
CA ASP A 121 -12.34 12.68 -8.11
C ASP A 121 -13.43 12.79 -7.08
N ALA A 122 -14.68 12.82 -7.54
CA ALA A 122 -15.81 13.01 -6.62
C ALA A 122 -15.91 11.85 -5.61
N ASP A 123 -15.83 10.63 -6.12
CA ASP A 123 -15.86 9.47 -5.25
C ASP A 123 -14.64 9.40 -4.33
N VAL A 124 -13.48 9.81 -4.82
CA VAL A 124 -12.28 9.86 -3.99
C VAL A 124 -12.48 10.83 -2.85
N LYS A 125 -12.93 12.05 -3.16
CA LYS A 125 -13.16 13.05 -2.14
CA LYS A 125 -13.17 13.05 -2.13
C LYS A 125 -14.14 12.55 -1.08
N ALA A 126 -15.23 11.94 -1.51
CA ALA A 126 -16.22 11.46 -0.54
C ALA A 126 -15.66 10.39 0.35
N THR A 127 -14.84 9.51 -0.22
CA THR A 127 -14.32 8.41 0.54
C THR A 127 -13.22 8.87 1.50
N VAL A 128 -12.37 9.80 1.06
CA VAL A 128 -11.36 10.39 1.93
C VAL A 128 -12.02 11.09 3.13
N ASP A 129 -13.08 11.85 2.86
CA ASP A 129 -13.75 12.55 3.96
C ASP A 129 -14.35 11.55 4.97
N TYR A 130 -14.94 10.47 4.46
CA TYR A 130 -15.53 9.44 5.32
C TYR A 130 -14.47 8.74 6.18
N ALA A 131 -13.35 8.42 5.57
CA ALA A 131 -12.20 7.87 6.29
C ALA A 131 -11.76 8.78 7.43
N HIS A 132 -11.55 10.04 7.10
CA HIS A 132 -11.06 10.96 8.08
C HIS A 132 -12.06 11.21 9.21
N ALA A 133 -13.34 11.18 8.87
CA ALA A 133 -14.34 11.35 9.93
C ALA A 133 -14.31 10.21 10.93
N HIS A 134 -13.76 9.06 10.53
CA HIS A 134 -13.63 7.89 11.41
C HIS A 134 -12.21 7.55 11.82
N ASN A 135 -11.32 8.52 11.66
CA ASN A 135 -9.94 8.41 12.15
C ASN A 135 -9.21 7.29 11.43
N VAL A 136 -9.55 7.12 10.17
CA VAL A 136 -8.89 6.16 9.27
C VAL A 136 -8.04 6.95 8.25
N TYR A 137 -6.80 6.53 8.07
CA TYR A 137 -5.91 7.12 7.11
C TYR A 137 -6.04 6.49 5.72
N VAL A 138 -5.74 7.29 4.71
CA VAL A 138 -5.87 6.88 3.29
C VAL A 138 -4.53 6.80 2.62
N VAL A 139 -4.14 5.62 2.19
CA VAL A 139 -3.05 5.44 1.25
C VAL A 139 -3.69 5.56 -0.12
N MET A 140 -3.46 6.66 -0.82
CA MET A 140 -4.08 6.88 -2.12
C MET A 140 -3.07 6.37 -3.14
N SER A 141 -3.52 5.55 -4.09
CA SER A 141 -2.61 4.69 -4.83
C SER A 141 -2.79 4.74 -6.32
N ASN A 142 -1.73 4.38 -7.03
CA ASN A 142 -1.76 4.22 -8.46
C ASN A 142 -0.73 3.20 -8.86
N HIS A 143 -1.10 2.38 -9.86
CA HIS A 143 -0.23 1.31 -10.35
C HIS A 143 -0.22 1.30 -11.84
N ASP A 144 0.96 1.08 -12.39
CA ASP A 144 1.09 0.80 -13.79
C ASP A 144 1.91 -0.45 -13.91
N PHE A 145 1.24 -1.57 -14.19
CA PHE A 145 1.90 -2.89 -14.29
C PHE A 145 2.54 -3.14 -15.63
N HIS A 146 2.49 -2.18 -16.54
CA HIS A 146 3.05 -2.39 -17.86
C HIS A 146 4.22 -1.49 -18.23
N GLN A 147 4.24 -0.25 -17.73
CA GLN A 147 5.26 0.71 -18.11
C GLN A 147 5.47 1.74 -16.98
N THR A 148 6.48 2.58 -17.19
CA THR A 148 6.86 3.65 -16.27
C THR A 148 6.58 4.97 -16.95
N PRO A 149 5.66 5.76 -16.37
CA PRO A 149 5.44 7.10 -16.91
C PRO A 149 6.69 7.95 -16.74
N SER A 150 6.68 9.13 -17.33
CA SER A 150 7.78 10.06 -17.12
C SER A 150 7.84 10.50 -15.66
N ALA A 151 9.02 10.93 -15.25
CA ALA A 151 9.17 11.47 -13.90
C ALA A 151 8.18 12.61 -13.67
N GLU A 152 8.02 13.47 -14.67
CA GLU A 152 7.10 14.62 -14.61
C GLU A 152 5.66 14.16 -14.34
N GLU A 153 5.22 13.13 -15.07
CA GLU A 153 3.87 12.58 -14.91
C GLU A 153 3.71 11.99 -13.54
N MET A 154 4.72 11.26 -13.04
CA MET A 154 4.60 10.63 -11.73
C MET A 154 4.52 11.66 -10.61
N VAL A 155 5.35 12.69 -10.71
CA VAL A 155 5.35 13.75 -9.74
C VAL A 155 4.00 14.46 -9.73
N LEU A 156 3.45 14.78 -10.91
CA LEU A 156 2.15 15.44 -10.92
C LEU A 156 1.05 14.51 -10.39
N ARG A 157 1.18 13.20 -10.60
CA ARG A 157 0.20 12.26 -10.10
CA ARG A 157 0.21 12.23 -10.06
C ARG A 157 0.21 12.25 -8.55
N LEU A 158 1.40 12.19 -7.98
CA LEU A 158 1.55 12.21 -6.53
C LEU A 158 1.09 13.57 -5.94
N ARG A 159 1.38 14.66 -6.64
CA ARG A 159 0.91 15.96 -6.21
C ARG A 159 -0.61 16.03 -6.19
N LYS A 160 -1.24 15.39 -7.17
CA LYS A 160 -2.70 15.38 -7.21
C LYS A 160 -3.28 14.59 -6.03
N MET A 161 -2.63 13.48 -5.70
CA MET A 161 -3.05 12.70 -4.53
C MET A 161 -3.05 13.56 -3.27
N GLN A 162 -2.00 14.37 -3.08
CA GLN A 162 -1.98 15.26 -1.93
C GLN A 162 -3.13 16.24 -2.00
N ALA A 163 -3.39 16.77 -3.18
CA ALA A 163 -4.43 17.79 -3.31
C ALA A 163 -5.81 17.22 -2.99
N LEU A 164 -5.98 15.91 -3.23
CA LEU A 164 -7.23 15.20 -2.96
C LEU A 164 -7.31 14.65 -1.51
N GLY A 165 -6.30 14.96 -0.69
CA GLY A 165 -6.37 14.65 0.75
C GLY A 165 -5.78 13.31 1.16
N ALA A 166 -5.01 12.68 0.29
CA ALA A 166 -4.31 11.44 0.63
C ALA A 166 -3.49 11.66 1.89
N ASP A 167 -3.51 10.74 2.82
CA ASP A 167 -2.55 10.83 3.92
C ASP A 167 -1.17 10.37 3.46
N ILE A 168 -1.12 9.34 2.63
CA ILE A 168 0.10 8.80 2.06
C ILE A 168 -0.11 8.47 0.58
N PRO A 169 0.37 9.33 -0.32
CA PRO A 169 0.39 9.00 -1.76
C PRO A 169 1.28 7.81 -2.00
N LYS A 170 0.83 6.96 -2.90
CA LYS A 170 1.56 5.76 -3.29
C LYS A 170 1.57 5.45 -4.80
N ILE A 171 2.80 5.12 -5.41
CA ILE A 171 2.79 4.77 -6.83
C ILE A 171 3.72 3.59 -7.03
N ALA A 172 3.26 2.64 -7.84
CA ALA A 172 4.06 1.47 -8.16
C ALA A 172 4.03 1.35 -9.69
N VAL A 173 5.19 1.26 -10.30
CA VAL A 173 5.30 1.26 -11.75
C VAL A 173 6.22 0.13 -12.19
N MET A 174 6.02 -0.31 -13.42
CA MET A 174 6.79 -1.40 -14.01
C MET A 174 7.88 -0.87 -14.93
N PRO A 175 9.14 -1.18 -14.62
CA PRO A 175 10.21 -0.79 -15.53
C PRO A 175 10.27 -1.67 -16.74
N GLN A 176 10.63 -1.07 -17.87
CA GLN A 176 10.92 -1.84 -19.10
C GLN A 176 12.39 -1.73 -19.51
N SER A 177 13.18 -1.16 -18.59
CA SER A 177 14.58 -0.80 -18.79
C SER A 177 15.14 -0.38 -17.46
N LYS A 178 16.47 -0.39 -17.35
CA LYS A 178 17.14 0.18 -16.21
C LYS A 178 16.91 1.67 -16.07
N HIS A 179 16.86 2.40 -17.19
CA HIS A 179 16.52 3.81 -17.13
C HIS A 179 15.21 4.02 -16.37
N ASP A 180 14.21 3.17 -16.64
CA ASP A 180 12.91 3.32 -15.99
C ASP A 180 13.04 3.27 -14.48
N VAL A 181 13.97 2.47 -13.96
CA VAL A 181 14.17 2.38 -12.50
C VAL A 181 14.73 3.72 -11.99
N LEU A 182 15.72 4.25 -12.68
CA LEU A 182 16.27 5.58 -12.33
C LEU A 182 15.20 6.68 -12.40
N THR A 183 14.30 6.59 -13.37
CA THR A 183 13.22 7.55 -13.50
C THR A 183 12.33 7.56 -12.26
N LEU A 184 11.98 6.36 -11.79
CA LEU A 184 11.18 6.22 -10.58
C LEU A 184 11.95 6.80 -9.38
N LEU A 185 13.25 6.51 -9.25
CA LEU A 185 14.01 7.11 -8.15
C LEU A 185 14.06 8.62 -8.24
N THR A 186 14.21 9.12 -9.46
CA THR A 186 14.26 10.57 -9.70
C THR A 186 12.95 11.24 -9.30
N ALA A 187 11.82 10.66 -9.72
CA ALA A 187 10.50 11.19 -9.30
C ALA A 187 10.37 11.19 -7.77
N THR A 188 10.85 10.13 -7.12
CA THR A 188 10.76 9.99 -5.67
C THR A 188 11.52 11.12 -4.99
N LEU A 189 12.76 11.33 -5.42
CA LEU A 189 13.56 12.38 -4.82
C LEU A 189 13.00 13.78 -5.08
N GLU A 190 12.51 14.04 -6.30
CA GLU A 190 11.96 15.35 -6.64
CA GLU A 190 11.98 15.35 -6.62
C GLU A 190 10.71 15.59 -5.81
N MET A 191 9.85 14.57 -5.74
CA MET A 191 8.65 14.63 -4.92
C MET A 191 9.02 14.97 -3.47
N GLN A 192 9.91 14.18 -2.88
CA GLN A 192 10.26 14.35 -1.47
C GLN A 192 10.92 15.72 -1.21
N GLN A 193 11.79 16.19 -2.12
CA GLN A 193 12.54 17.43 -1.86
C GLN A 193 11.74 18.70 -2.20
N HIS A 194 10.94 18.67 -3.27
CA HIS A 194 10.32 19.88 -3.81
C HIS A 194 8.81 19.98 -3.62
N TYR A 195 8.12 18.86 -3.44
CA TYR A 195 6.65 18.91 -3.47
C TYR A 195 5.89 18.22 -2.37
N ALA A 196 6.48 17.20 -1.75
CA ALA A 196 5.78 16.46 -0.71
C ALA A 196 5.56 17.30 0.52
N ASP A 197 4.40 17.20 1.14
CA ASP A 197 4.15 17.75 2.45
C ASP A 197 3.60 16.67 3.38
N ARG A 198 3.86 15.42 3.02
CA ARG A 198 3.46 14.25 3.80
C ARG A 198 4.29 13.07 3.26
N PRO A 199 4.26 11.92 3.95
CA PRO A 199 5.02 10.76 3.47
C PRO A 199 4.47 10.24 2.16
N VAL A 200 5.38 9.72 1.33
CA VAL A 200 5.03 9.15 0.03
CA VAL A 200 4.98 9.10 0.06
C VAL A 200 5.67 7.77 -0.06
N ILE A 201 5.01 6.84 -0.73
CA ILE A 201 5.52 5.49 -1.01
C ILE A 201 5.71 5.37 -2.53
N THR A 202 6.88 4.93 -2.98
CA THR A 202 7.12 4.66 -4.40
C THR A 202 7.84 3.33 -4.56
N MET A 203 7.60 2.69 -5.68
CA MET A 203 8.35 1.49 -6.03
CA MET A 203 8.39 1.51 -6.04
C MET A 203 8.35 1.27 -7.53
N SER A 204 9.47 0.74 -8.01
CA SER A 204 9.64 0.23 -9.33
C SER A 204 9.60 -1.28 -9.11
N MET A 205 8.69 -1.96 -9.83
CA MET A 205 8.40 -3.39 -9.65
C MET A 205 9.43 -4.27 -10.39
N ALA A 206 9.28 -5.58 -10.24
CA ALA A 206 10.07 -6.59 -10.96
C ALA A 206 11.50 -6.67 -10.43
N LYS A 207 12.24 -7.63 -10.96
CA LYS A 207 13.63 -7.82 -10.61
C LYS A 207 14.42 -6.52 -10.79
N GLU A 208 14.25 -5.90 -11.93
CA GLU A 208 15.01 -4.71 -12.27
C GLU A 208 14.83 -3.56 -11.26
N GLY A 209 13.63 -3.48 -10.67
CA GLY A 209 13.29 -2.40 -9.78
C GLY A 209 13.61 -2.63 -8.34
N VAL A 210 14.22 -3.75 -8.00
CA VAL A 210 14.40 -4.12 -6.61
C VAL A 210 15.12 -3.06 -5.80
N ILE A 211 16.11 -2.39 -6.38
CA ILE A 211 16.83 -1.37 -5.63
C ILE A 211 15.89 -0.29 -5.09
N SER A 212 14.80 -0.01 -5.79
CA SER A 212 13.83 0.97 -5.32
C SER A 212 13.12 0.57 -4.02
N ARG A 213 13.05 -0.75 -3.79
CA ARG A 213 12.44 -1.25 -2.59
C ARG A 213 13.44 -1.18 -1.42
N LEU A 214 14.72 -0.95 -1.73
CA LEU A 214 15.79 -0.89 -0.74
C LEU A 214 16.23 0.53 -0.37
N ALA A 215 16.08 1.47 -1.31
CA ALA A 215 16.65 2.84 -1.20
C ALA A 215 15.66 3.93 -0.79
N GLY A 216 14.61 3.54 -0.07
CA GLY A 216 13.63 4.46 0.43
C GLY A 216 14.17 5.54 1.36
N GLU A 217 15.13 5.18 2.21
CA GLU A 217 15.64 6.13 3.18
C GLU A 217 16.40 7.28 2.52
N VAL A 218 17.18 6.98 1.48
CA VAL A 218 17.97 7.96 0.76
C VAL A 218 17.10 8.85 -0.14
N PHE A 219 16.22 8.26 -0.93
CA PHE A 219 15.48 9.02 -1.95
C PHE A 219 14.07 9.46 -1.57
N GLY A 220 13.51 8.93 -0.48
CA GLY A 220 12.27 9.48 0.09
C GLY A 220 11.01 8.64 -0.07
N SER A 221 11.14 7.32 -0.09
CA SER A 221 9.96 6.42 -0.01
C SER A 221 9.83 5.92 1.45
N ALA A 222 8.65 6.14 2.01
CA ALA A 222 8.38 5.93 3.42
C ALA A 222 8.08 4.49 3.81
N ALA A 223 7.84 3.62 2.83
CA ALA A 223 7.52 2.24 3.11
C ALA A 223 7.82 1.42 1.90
N THR A 224 7.92 0.12 2.12
CA THR A 224 8.33 -0.82 1.10
C THR A 224 7.68 -2.17 1.39
N PHE A 225 7.44 -2.94 0.35
CA PHE A 225 6.74 -4.24 0.47
C PHE A 225 7.75 -5.39 0.42
N GLY A 226 7.60 -6.32 1.36
CA GLY A 226 8.33 -7.58 1.40
C GLY A 226 7.38 -8.77 1.35
N ALA A 227 7.96 -9.96 1.21
CA ALA A 227 7.21 -11.18 1.07
C ALA A 227 7.41 -12.04 2.30
N VAL A 228 6.33 -12.61 2.81
CA VAL A 228 6.43 -13.59 3.89
C VAL A 228 6.79 -14.97 3.28
N LYS A 229 5.96 -15.45 2.34
CA LYS A 229 6.21 -16.68 1.57
C LYS A 229 6.08 -16.44 0.07
N GLN A 230 5.03 -15.72 -0.32
CA GLN A 230 4.68 -15.49 -1.72
C GLN A 230 4.55 -14.00 -1.94
N ALA A 231 5.08 -13.48 -3.05
CA ALA A 231 4.99 -12.04 -3.32
C ALA A 231 3.59 -11.66 -3.74
N SER A 232 3.14 -10.47 -3.36
CA SER A 232 1.88 -9.94 -3.88
C SER A 232 2.09 -9.12 -5.16
N ALA A 233 3.35 -8.84 -5.51
CA ALA A 233 3.70 -8.17 -6.76
C ALA A 233 5.13 -8.53 -7.13
N PRO A 234 5.47 -8.49 -8.43
CA PRO A 234 6.81 -8.88 -8.84
C PRO A 234 7.87 -7.94 -8.24
N GLY A 235 8.99 -8.51 -7.78
CA GLY A 235 10.13 -7.74 -7.24
C GLY A 235 10.27 -7.76 -5.72
N GLN A 236 9.16 -8.05 -5.04
CA GLN A 236 9.20 -8.16 -3.60
C GLN A 236 10.15 -9.28 -3.19
N ILE A 237 11.02 -9.00 -2.22
CA ILE A 237 11.95 -9.99 -1.62
C ILE A 237 11.56 -10.44 -0.18
N ALA A 238 12.14 -11.55 0.27
CA ALA A 238 11.81 -12.09 1.56
C ALA A 238 11.95 -11.02 2.64
N VAL A 239 10.99 -10.96 3.54
CA VAL A 239 10.91 -9.89 4.50
C VAL A 239 12.11 -9.78 5.48
N ASN A 240 12.70 -10.91 5.86
CA ASN A 240 13.90 -10.90 6.72
C ASN A 240 15.09 -10.26 6.03
N ASP A 241 15.19 -10.52 4.72
CA ASP A 241 16.29 -10.00 3.91
C ASP A 241 16.08 -8.50 3.70
N LEU A 242 14.84 -8.09 3.48
CA LEU A 242 14.50 -6.69 3.34
C LEU A 242 14.92 -5.91 4.59
N ARG A 243 14.52 -6.42 5.76
CA ARG A 243 14.83 -5.78 7.02
CA ARG A 243 14.84 -5.79 7.02
C ARG A 243 16.35 -5.64 7.19
N SER A 244 17.08 -6.70 6.84
CA SER A 244 18.52 -6.70 6.98
C SER A 244 19.17 -5.57 6.17
N VAL A 245 18.73 -5.40 4.94
CA VAL A 245 19.27 -4.36 4.09
C VAL A 245 18.86 -2.98 4.57
N LEU A 246 17.60 -2.81 4.96
CA LEU A 246 17.16 -1.50 5.45
C LEU A 246 17.98 -1.10 6.67
N MET A 247 18.27 -2.05 7.55
CA MET A 247 19.04 -1.80 8.78
C MET A 247 20.49 -1.40 8.45
N ILE A 248 21.07 -2.11 7.51
CA ILE A 248 22.40 -1.76 7.04
C ILE A 248 22.48 -0.33 6.46
N LEU A 249 21.51 0.02 5.62
CA LEU A 249 21.45 1.41 5.09
C LEU A 249 21.20 2.47 6.17
N HIS A 250 20.29 2.17 7.10
CA HIS A 250 19.98 3.08 8.19
C HIS A 250 21.20 3.38 9.07
N ASN A 251 22.01 2.35 9.37
CA ASN A 251 23.13 2.49 10.31
C ASN A 251 24.49 2.76 9.68
N ALA A 252 24.53 2.90 8.35
CA ALA A 252 25.81 3.17 7.66
C ALA A 252 26.41 4.51 8.05
CAJ VAU B . 0.72 -0.86 -3.10
CAR VAU B . 0.72 -2.13 -3.90
OAG VAU B . 0.01 -1.98 -5.06
CAL VAU B . 2.10 -2.31 -4.48
CAQ VAU B . 2.60 -3.66 -4.81
CAN VAU B . 4.08 -3.79 -4.91
OAC VAU B . 4.49 -3.68 -6.06
OAB VAU B . 4.66 -4.09 -3.92
OAF VAU B . 2.09 -3.81 -6.11
CAK VAU B . 2.01 -4.73 -3.80
CAO VAU B . 0.45 -4.60 -3.60
OAD VAU B . -0.07 -5.58 -2.66
CAP VAU B . 0.20 -3.24 -3.03
OAE VAU B . -1.15 -3.09 -2.80
CL CL C . -0.43 -7.82 16.83
CL CL D . 20.68 5.80 -21.76
NA NA E . 1.73 20.52 -5.03
NA NA F . -21.57 4.27 4.32
#